data_3OYA
#
_entry.id   3OYA
#
_cell.length_a   159.755
_cell.length_b   159.755
_cell.length_c   124.139
_cell.angle_alpha   90.000
_cell.angle_beta   90.000
_cell.angle_gamma   90.000
#
_symmetry.space_group_name_H-M   'P 41 21 2'
#
loop_
_entity.id
_entity.type
_entity.pdbx_description
1 polymer 'PFV integrase'
2 polymer "DNA (5'-D(*AP*TP*TP*GP*TP*CP*AP*TP*GP*GP*AP*AP*TP*TP*TP*CP*GP*CP*A)-3')"
3 polymer "DNA (5'-D(*TP*GP*CP*GP*AP*AP*AP*TP*TP*CP*CP*AP*TP*GP*AP*CP*A)-3')"
4 non-polymer 'ZINC ION'
5 non-polymer 'SULFATE ION'
6 non-polymer GLYCEROL
7 non-polymer 'AMMONIUM ION'
8 non-polymer 'MAGNESIUM ION'
9 non-polymer 'N-(4-fluorobenzyl)-5-hydroxy-1-methyl-2-(1-methyl-1-{[(5-methyl-1,3,4-oxadiazol-2-yl)carbonyl]amino}ethyl)-6-oxo-1,6-di hydropyrimidine-4-carboxamide'
10 water water
#
loop_
_entity_poly.entity_id
_entity_poly.type
_entity_poly.pdbx_seq_one_letter_code
_entity_poly.pdbx_strand_id
1 'polypeptide(L)'
;GPGCNTKKPNLDAELDQLLQGHYIKGYPKQYTYFLEDGKVKVSRPEGVKIIPPQSDRQKIVLQAHNLAHTGREATLLKIA
NLYWWPNMRKDVVKQLGRCQQCLITNASNKASGPILRPDRPQKPFDKFFIDYIGPLPPSQGYLYVLVVVDGMTGFTWLYP
TKAPSTSATVKSLNVLTSIAIPKVIHSDQGAAFTSSTFAEWAKERGIHLEFSTPYHPQSSGKVERKNSDIKRLLTKLLVG
RPTKWYDLLPVVQLALNNTYSPVLKYTPHQLLFGIDSNTPFANQDTLDLTREEELSLLQEIRTSLYHPSTPPASSRSWSP
VVGQLVQERVARPASLRPRWHKPSTVLKVLNPRTVVILDHLGNNRTVSIDNLKPTSHQNGTTNDTATMDHLEKNE
;
A,B
2 'polydeoxyribonucleotide' (DA)(DT)(DT)(DG)(DT)(DC)(DA)(DT)(DG)(DG)(DA)(DA)(DT)(DT)(DT)(DC)(DG)(DC)(DA) C
3 'polydeoxyribonucleotide' (DT)(DG)(DC)(DG)(DA)(DA)(DA)(DT)(DT)(DC)(DC)(DA)(DT)(DG)(DA)(DC)(DA) D
#
loop_
_chem_comp.id
_chem_comp.type
_chem_comp.name
_chem_comp.formula
DA DNA linking 2'-DEOXYADENOSINE-5'-MONOPHOSPHATE 'C10 H14 N5 O6 P'
DC DNA linking 2'-DEOXYCYTIDINE-5'-MONOPHOSPHATE 'C9 H14 N3 O7 P'
DG DNA linking 2'-DEOXYGUANOSINE-5'-MONOPHOSPHATE 'C10 H14 N5 O7 P'
DT DNA linking THYMIDINE-5'-MONOPHOSPHATE 'C10 H15 N2 O8 P'
GOL non-polymer GLYCEROL 'C3 H8 O3'
MG non-polymer 'MAGNESIUM ION' 'Mg 2'
NH4 non-polymer 'AMMONIUM ION' 'H4 N 1'
RLT non-polymer 'N-(4-fluorobenzyl)-5-hydroxy-1-methyl-2-(1-methyl-1-{[(5-methyl-1,3,4-oxadiazol-2-yl)carbonyl]amino}ethyl)-6-oxo-1,6-di hydropyrimidine-4-carboxamide' 'C20 H21 F N6 O5'
SO4 non-polymer 'SULFATE ION' 'O4 S -2'
ZN non-polymer 'ZINC ION' 'Zn 2'
#
# COMPACT_ATOMS: atom_id res chain seq x y z
N LEU A 11 8.18 12.68 -60.19
CA LEU A 11 9.30 11.85 -60.73
C LEU A 11 9.97 12.53 -61.95
N ASP A 12 9.95 11.87 -63.12
CA ASP A 12 10.60 12.37 -64.37
C ASP A 12 9.81 13.46 -65.07
N ALA A 13 8.50 13.49 -64.85
CA ALA A 13 7.64 14.53 -65.36
C ALA A 13 8.06 15.89 -64.78
N GLU A 14 7.95 16.02 -63.47
CA GLU A 14 8.34 17.24 -62.73
C GLU A 14 9.72 17.73 -63.13
N LEU A 15 10.71 16.86 -62.97
CA LEU A 15 12.10 17.20 -63.23
C LEU A 15 12.32 17.72 -64.64
N ASP A 16 11.55 17.20 -65.59
CA ASP A 16 11.64 17.63 -66.99
C ASP A 16 11.22 19.09 -67.13
N GLN A 17 9.98 19.39 -66.74
CA GLN A 17 9.46 20.77 -66.76
C GLN A 17 10.46 21.74 -66.17
N LEU A 18 11.16 21.25 -65.15
CA LEU A 18 12.13 22.05 -64.42
C LEU A 18 13.34 22.36 -65.29
N LEU A 19 13.82 21.36 -66.00
CA LEU A 19 15.03 21.52 -66.80
C LEU A 19 14.89 22.60 -67.89
N GLN A 20 13.73 22.64 -68.54
CA GLN A 20 13.46 23.63 -69.58
C GLN A 20 13.14 25.04 -69.01
N GLY A 21 13.46 25.23 -67.73
CA GLY A 21 13.38 26.54 -67.06
C GLY A 21 12.04 26.98 -66.51
N HIS A 22 11.01 26.14 -66.58
CA HIS A 22 9.70 26.45 -65.99
C HIS A 22 9.71 26.32 -64.46
N TYR A 23 8.70 26.90 -63.80
CA TYR A 23 8.65 26.90 -62.33
C TYR A 23 7.76 25.81 -61.73
N ILE A 24 8.32 25.04 -60.80
CA ILE A 24 7.55 24.06 -60.01
C ILE A 24 7.54 24.46 -58.54
N LYS A 25 6.36 24.41 -57.91
CA LYS A 25 6.22 24.77 -56.50
C LYS A 25 7.17 23.92 -55.63
N GLY A 26 8.02 24.60 -54.89
CA GLY A 26 8.99 23.93 -54.03
C GLY A 26 10.43 24.07 -54.48
N TYR A 27 10.67 24.19 -55.79
CA TYR A 27 12.01 24.37 -56.32
C TYR A 27 12.22 25.85 -56.58
N PRO A 28 13.02 26.53 -55.74
CA PRO A 28 13.21 27.99 -55.84
C PRO A 28 13.76 28.40 -57.20
N LYS A 29 13.18 29.48 -57.77
CA LYS A 29 13.46 29.90 -59.18
C LYS A 29 14.84 30.51 -59.42
N GLN A 30 15.48 31.00 -58.37
CA GLN A 30 16.76 31.70 -58.51
C GLN A 30 18.00 30.80 -58.65
N TYR A 31 17.82 29.49 -58.69
CA TYR A 31 18.96 28.58 -58.82
C TYR A 31 18.96 27.95 -60.19
N THR A 32 20.14 27.59 -60.68
CA THR A 32 20.19 26.96 -62.00
C THR A 32 20.20 25.42 -61.90
N TYR A 33 19.21 24.82 -62.55
CA TYR A 33 19.03 23.37 -62.59
C TYR A 33 19.44 22.78 -63.94
N PHE A 34 20.38 21.85 -63.95
CA PHE A 34 20.87 21.27 -65.21
C PHE A 34 20.93 19.74 -65.25
N LEU A 35 21.35 19.20 -66.39
CA LEU A 35 21.62 17.76 -66.59
C LEU A 35 23.13 17.52 -66.70
N GLU A 36 23.61 16.38 -66.21
CA GLU A 36 25.04 16.03 -66.19
C GLU A 36 25.19 14.60 -65.71
N ASP A 37 25.92 13.79 -66.48
CA ASP A 37 26.09 12.35 -66.17
C ASP A 37 24.76 11.59 -66.08
N GLY A 38 23.73 12.14 -66.73
CA GLY A 38 22.42 11.50 -66.81
C GLY A 38 21.54 11.73 -65.61
N LYS A 39 21.88 12.73 -64.80
CA LYS A 39 21.11 13.02 -63.58
C LYS A 39 20.86 14.53 -63.43
N VAL A 40 19.70 14.89 -62.88
CA VAL A 40 19.36 16.30 -62.69
C VAL A 40 20.08 16.91 -61.48
N LYS A 41 20.83 17.98 -61.70
CA LYS A 41 21.60 18.59 -60.62
C LYS A 41 21.18 20.03 -60.38
N VAL A 42 21.62 20.61 -59.27
CA VAL A 42 21.37 22.00 -58.95
C VAL A 42 22.57 22.58 -58.22
N SER A 43 22.83 23.86 -58.43
CA SER A 43 23.94 24.54 -57.82
C SER A 43 23.49 25.35 -56.60
N ARG A 44 23.61 24.74 -55.43
CA ARG A 44 23.20 25.39 -54.19
C ARG A 44 24.41 26.01 -53.49
N PRO A 45 24.17 26.99 -52.59
CA PRO A 45 25.31 27.63 -51.92
C PRO A 45 26.37 26.65 -51.41
N GLU A 46 25.97 25.51 -50.85
CA GLU A 46 26.93 24.55 -50.28
C GLU A 46 27.71 23.75 -51.35
N GLY A 47 27.16 23.73 -52.57
CA GLY A 47 27.75 22.96 -53.66
C GLY A 47 26.69 22.38 -54.58
N VAL A 48 27.13 21.49 -55.45
CA VAL A 48 26.27 20.89 -56.45
C VAL A 48 25.68 19.60 -55.88
N LYS A 49 24.35 19.50 -55.90
CA LYS A 49 23.68 18.33 -55.36
C LYS A 49 22.84 17.68 -56.43
N ILE A 50 22.67 16.37 -56.35
CA ILE A 50 21.77 15.66 -57.23
C ILE A 50 20.32 15.82 -56.73
N ILE A 51 19.41 16.14 -57.64
CA ILE A 51 18.00 16.14 -57.30
C ILE A 51 17.40 14.86 -57.79
N PRO A 52 17.24 13.87 -56.90
CA PRO A 52 16.63 12.63 -57.39
C PRO A 52 15.15 12.82 -57.74
N PRO A 53 14.66 12.00 -58.66
CA PRO A 53 13.24 11.92 -58.97
C PRO A 53 12.46 11.48 -57.73
N GLN A 54 11.29 12.06 -57.52
CA GLN A 54 10.46 11.75 -56.35
C GLN A 54 10.25 10.25 -56.13
N SER A 55 10.22 9.49 -57.22
CA SER A 55 10.00 8.04 -57.13
C SER A 55 11.19 7.28 -56.53
N ASP A 56 12.27 8.00 -56.24
CA ASP A 56 13.50 7.44 -55.72
C ASP A 56 13.76 7.83 -54.26
N ARG A 57 13.09 8.87 -53.81
CA ARG A 57 13.42 9.54 -52.56
C ARG A 57 13.18 8.68 -51.31
N GLN A 58 12.05 7.99 -51.24
CA GLN A 58 11.82 7.12 -50.12
C GLN A 58 13.03 6.19 -49.93
N LYS A 59 13.45 5.52 -51.01
CA LYS A 59 14.57 4.58 -50.96
C LYS A 59 15.87 5.22 -50.44
N ILE A 60 16.10 6.48 -50.82
CA ILE A 60 17.28 7.22 -50.41
C ILE A 60 17.24 7.46 -48.91
N VAL A 61 16.12 8.02 -48.43
CA VAL A 61 15.92 8.30 -47.01
C VAL A 61 16.09 7.00 -46.21
N LEU A 62 15.53 5.94 -46.74
CA LEU A 62 15.63 4.66 -46.11
C LEU A 62 17.08 4.17 -46.01
N GLN A 63 17.86 4.37 -47.06
CA GLN A 63 19.25 3.94 -47.08
C GLN A 63 20.09 4.73 -46.11
N ALA A 64 19.87 6.04 -46.09
CA ALA A 64 20.59 6.88 -45.20
C ALA A 64 20.21 6.48 -43.78
N HIS A 65 18.92 6.42 -43.47
CA HIS A 65 18.50 6.07 -42.12
C HIS A 65 19.09 4.73 -41.68
N ASN A 66 19.08 3.74 -42.56
CA ASN A 66 19.46 2.38 -42.12
C ASN A 66 20.93 2.15 -41.78
N LEU A 67 21.80 3.09 -42.15
CA LEU A 67 23.22 2.94 -41.91
C LEU A 67 23.48 2.74 -40.43
N ALA A 68 22.89 3.59 -39.60
CA ALA A 68 23.01 3.44 -38.14
C ALA A 68 21.68 3.69 -37.42
N HIS A 69 20.59 3.71 -38.17
CA HIS A 69 19.26 3.98 -37.61
C HIS A 69 19.21 5.29 -36.87
N THR A 70 19.65 6.33 -37.56
CA THR A 70 19.78 7.66 -36.99
C THR A 70 18.46 8.44 -36.97
N GLY A 71 18.40 9.45 -36.11
CA GLY A 71 17.23 10.32 -35.99
C GLY A 71 17.27 11.38 -37.06
N ARG A 72 16.56 12.48 -36.85
CA ARG A 72 16.29 13.45 -37.92
C ARG A 72 17.53 14.08 -38.53
N GLU A 73 18.25 14.85 -37.72
CA GLU A 73 19.42 15.57 -38.20
C GLU A 73 20.53 14.65 -38.70
N ALA A 74 20.87 13.62 -37.94
CA ALA A 74 21.94 12.70 -38.37
C ALA A 74 21.59 12.02 -39.69
N THR A 75 20.32 11.75 -39.94
CA THR A 75 19.91 11.19 -41.22
C THR A 75 19.97 12.25 -42.31
N LEU A 76 19.38 13.42 -42.04
CA LEU A 76 19.44 14.48 -43.03
C LEU A 76 20.88 14.74 -43.52
N LEU A 77 21.81 14.91 -42.58
CA LEU A 77 23.17 15.29 -42.89
C LEU A 77 23.85 14.33 -43.87
N LYS A 78 23.49 13.05 -43.80
CA LYS A 78 24.02 12.07 -44.75
C LYS A 78 23.47 12.36 -46.12
N ILE A 79 22.14 12.47 -46.21
CA ILE A 79 21.48 12.66 -47.49
C ILE A 79 22.02 13.94 -48.15
N ALA A 80 22.14 15.00 -47.35
CA ALA A 80 22.56 16.29 -47.85
C ALA A 80 23.94 16.25 -48.50
N ASN A 81 24.74 15.25 -48.16
CA ASN A 81 26.06 15.10 -48.77
C ASN A 81 26.01 14.94 -50.29
N LEU A 82 24.97 14.25 -50.76
CA LEU A 82 24.78 13.95 -52.17
C LEU A 82 23.58 14.65 -52.80
N TYR A 83 22.48 14.78 -52.06
CA TYR A 83 21.24 15.22 -52.66
C TYR A 83 20.67 16.52 -52.16
N TRP A 84 19.75 17.05 -52.96
CA TRP A 84 18.86 18.10 -52.50
C TRP A 84 17.48 17.86 -53.11
N TRP A 85 16.44 18.15 -52.34
CA TRP A 85 15.10 18.28 -52.87
C TRP A 85 14.25 19.10 -51.91
N PRO A 86 13.00 19.47 -52.30
CA PRO A 86 12.17 20.31 -51.43
C PRO A 86 11.78 19.58 -50.17
N ASN A 87 11.91 20.26 -49.03
CA ASN A 87 11.35 19.77 -47.76
C ASN A 87 11.85 18.39 -47.39
N MET A 88 13.15 18.21 -47.49
CA MET A 88 13.79 16.94 -47.21
C MET A 88 13.41 16.34 -45.85
N ARG A 89 13.42 17.15 -44.81
CA ARG A 89 13.17 16.63 -43.47
C ARG A 89 11.79 16.01 -43.33
N LYS A 90 10.80 16.52 -44.09
CA LYS A 90 9.47 15.92 -44.04
C LYS A 90 9.52 14.47 -44.47
N ASP A 91 10.34 14.17 -45.47
CA ASP A 91 10.46 12.80 -45.90
C ASP A 91 11.26 11.97 -44.89
N VAL A 92 12.30 12.57 -44.31
CA VAL A 92 13.07 11.91 -43.27
C VAL A 92 12.14 11.55 -42.09
N VAL A 93 11.39 12.53 -41.59
CA VAL A 93 10.49 12.28 -40.47
C VAL A 93 9.44 11.21 -40.78
N LYS A 94 8.93 11.21 -42.01
CA LYS A 94 7.99 10.20 -42.45
C LYS A 94 8.55 8.79 -42.19
N GLN A 95 9.82 8.59 -42.53
CA GLN A 95 10.46 7.29 -42.37
C GLN A 95 10.76 6.94 -40.91
N LEU A 96 11.19 7.95 -40.15
CA LEU A 96 11.47 7.72 -38.74
C LEU A 96 10.21 7.22 -38.06
N GLY A 97 9.07 7.82 -38.42
CA GLY A 97 7.78 7.43 -37.87
C GLY A 97 7.34 6.05 -38.29
N ARG A 98 7.97 5.49 -39.32
CA ARG A 98 7.62 4.15 -39.81
C ARG A 98 8.67 3.09 -39.49
N CYS A 99 9.74 3.46 -38.79
CA CYS A 99 10.76 2.48 -38.48
C CYS A 99 10.43 1.74 -37.17
N GLN A 100 9.91 0.53 -37.32
CA GLN A 100 9.55 -0.26 -36.17
C GLN A 100 10.71 -0.26 -35.19
N GLN A 101 11.90 -0.59 -35.70
CA GLN A 101 13.08 -0.78 -34.88
C GLN A 101 13.46 0.46 -34.07
N CYS A 102 13.43 1.64 -34.69
CA CYS A 102 13.71 2.88 -33.94
C CYS A 102 12.65 3.15 -32.89
N LEU A 103 11.38 2.97 -33.27
CA LEU A 103 10.28 3.31 -32.38
C LEU A 103 10.30 2.49 -31.08
N ILE A 104 10.71 1.23 -31.16
CA ILE A 104 10.67 0.39 -29.99
C ILE A 104 12.01 0.29 -29.25
N THR A 105 13.09 0.80 -29.85
CA THR A 105 14.38 0.79 -29.18
C THR A 105 14.79 2.15 -28.57
N ASN A 106 14.51 3.26 -29.24
CA ASN A 106 14.92 4.56 -28.73
C ASN A 106 14.30 4.92 -27.39
N ALA A 107 14.99 5.79 -26.64
CA ALA A 107 14.46 6.33 -25.42
C ALA A 107 13.49 7.44 -25.80
N SER A 108 12.62 7.80 -24.87
CA SER A 108 11.80 8.98 -24.97
C SER A 108 12.64 10.18 -24.61
N ASN A 109 12.27 11.34 -25.07
CA ASN A 109 12.91 12.55 -24.58
C ASN A 109 11.88 13.56 -24.07
N LYS A 110 10.68 13.07 -23.74
CA LYS A 110 9.64 13.87 -23.07
C LYS A 110 9.33 13.27 -21.68
N ALA A 111 9.38 14.08 -20.64
CA ALA A 111 9.14 13.60 -19.28
C ALA A 111 7.64 13.44 -19.03
N SER A 112 7.29 12.61 -18.04
CA SER A 112 5.96 12.55 -17.49
C SER A 112 5.40 13.86 -16.91
N GLY A 113 4.07 13.97 -16.88
CA GLY A 113 3.44 15.12 -16.26
C GLY A 113 3.65 15.08 -14.75
N PRO A 114 3.44 16.21 -14.07
CA PRO A 114 3.70 16.27 -12.63
C PRO A 114 2.82 15.31 -11.83
N ILE A 115 3.38 14.71 -10.77
CA ILE A 115 2.66 13.73 -9.95
C ILE A 115 1.38 14.25 -9.26
N LEU A 116 0.45 13.33 -8.98
CA LEU A 116 -0.75 13.65 -8.22
C LEU A 116 -0.50 13.46 -6.74
N ARG A 117 -1.12 14.28 -5.91
CA ARG A 117 -1.04 14.01 -4.49
C ARG A 117 -2.43 13.61 -3.98
N PRO A 118 -2.81 12.33 -4.12
CA PRO A 118 -4.18 11.96 -3.77
C PRO A 118 -4.56 12.42 -2.37
N ASP A 119 -5.84 12.71 -2.14
CA ASP A 119 -6.32 13.08 -0.79
C ASP A 119 -5.99 12.03 0.28
N ARG A 120 -5.67 12.50 1.47
CA ARG A 120 -5.45 11.61 2.59
C ARG A 120 -6.79 10.98 2.91
N PRO A 121 -6.82 9.65 3.12
CA PRO A 121 -8.02 8.96 3.53
C PRO A 121 -8.61 9.70 4.68
N GLN A 122 -9.92 9.86 4.71
CA GLN A 122 -10.54 10.66 5.75
C GLN A 122 -10.44 10.05 7.16
N LYS A 123 -10.53 8.74 7.25
CA LYS A 123 -10.63 8.08 8.52
C LYS A 123 -9.62 6.92 8.69
N PRO A 124 -9.20 6.64 9.94
CA PRO A 124 -8.50 5.42 10.16
C PRO A 124 -9.38 4.30 9.64
N PHE A 125 -8.76 3.31 9.02
CA PHE A 125 -9.41 2.13 8.47
C PHE A 125 -10.15 2.31 7.15
N ASP A 126 -10.22 3.56 6.66
CA ASP A 126 -10.71 3.80 5.32
C ASP A 126 -9.88 3.10 4.26
N LYS A 127 -8.55 3.16 4.40
CA LYS A 127 -7.64 2.54 3.43
C LYS A 127 -6.33 2.01 4.01
N PHE A 128 -6.09 0.72 3.85
CA PHE A 128 -4.76 0.17 4.16
C PHE A 128 -3.92 0.10 2.91
N PHE A 129 -2.62 0.34 3.06
CA PHE A 129 -1.64 0.08 2.01
C PHE A 129 -0.77 -1.05 2.51
N ILE A 130 -0.65 -2.11 1.73
CA ILE A 130 0.19 -3.22 2.13
C ILE A 130 1.26 -3.54 1.10
N ASP A 131 2.36 -4.11 1.56
CA ASP A 131 3.50 -4.44 0.70
C ASP A 131 4.45 -5.36 1.44
N TYR A 132 5.27 -6.09 0.69
CA TYR A 132 6.34 -6.89 1.30
C TYR A 132 7.69 -6.23 1.19
N ILE A 133 8.49 -6.47 2.21
CA ILE A 133 9.93 -6.22 2.26
C ILE A 133 10.63 -7.59 2.29
N GLY A 134 11.69 -7.75 1.51
CA GLY A 134 12.53 -8.93 1.54
C GLY A 134 12.92 -9.42 0.16
N PRO A 135 13.69 -10.50 0.09
CA PRO A 135 14.15 -11.30 1.23
C PRO A 135 15.18 -10.59 2.08
N LEU A 136 15.11 -10.80 3.39
CA LEU A 136 16.08 -10.28 4.35
C LEU A 136 17.00 -11.44 4.79
N PRO A 137 18.15 -11.14 5.44
CA PRO A 137 18.93 -12.27 5.91
C PRO A 137 18.04 -13.13 6.83
N PRO A 138 18.10 -14.47 6.70
CA PRO A 138 17.24 -15.30 7.54
C PRO A 138 17.38 -14.98 9.01
N SER A 139 16.23 -14.82 9.67
CA SER A 139 16.13 -14.61 11.10
C SER A 139 15.02 -15.55 11.59
N GLN A 140 15.39 -16.50 12.43
CA GLN A 140 14.47 -17.56 12.92
C GLN A 140 13.64 -18.20 11.81
N GLY A 141 14.23 -18.35 10.63
CA GLY A 141 13.56 -19.02 9.54
C GLY A 141 12.64 -18.10 8.78
N TYR A 142 12.63 -16.82 9.16
CA TYR A 142 11.80 -15.84 8.49
C TYR A 142 12.63 -15.00 7.52
N LEU A 143 12.01 -14.63 6.40
CA LEU A 143 12.73 -13.95 5.33
C LEU A 143 12.06 -12.68 4.87
N TYR A 144 10.77 -12.53 5.14
CA TYR A 144 10.06 -11.35 4.65
C TYR A 144 9.30 -10.63 5.77
N VAL A 145 8.90 -9.39 5.51
CA VAL A 145 8.04 -8.66 6.44
C VAL A 145 6.82 -8.15 5.68
N LEU A 146 5.64 -8.39 6.24
CA LEU A 146 4.44 -7.77 5.70
C LEU A 146 4.26 -6.45 6.40
N VAL A 147 4.18 -5.39 5.64
CA VAL A 147 3.97 -4.08 6.19
C VAL A 147 2.57 -3.62 5.81
N VAL A 148 1.82 -3.20 6.82
CA VAL A 148 0.47 -2.70 6.63
C VAL A 148 0.43 -1.31 7.21
N VAL A 149 0.05 -0.35 6.39
CA VAL A 149 0.08 1.06 6.79
C VAL A 149 -1.29 1.71 6.59
N ASP A 150 -1.91 2.13 7.68
CA ASP A 150 -3.16 2.83 7.59
C ASP A 150 -2.97 4.19 6.95
N GLY A 151 -3.71 4.44 5.88
CA GLY A 151 -3.53 5.61 5.05
C GLY A 151 -3.71 6.90 5.78
N MET A 152 -4.71 6.96 6.65
CA MET A 152 -5.02 8.21 7.31
C MET A 152 -3.97 8.57 8.36
N THR A 153 -3.62 7.59 9.19
CA THR A 153 -2.84 7.84 10.39
C THR A 153 -1.36 7.61 10.17
N GLY A 154 -1.04 6.73 9.24
CA GLY A 154 0.32 6.27 9.12
C GLY A 154 0.60 5.11 10.06
N PHE A 155 -0.32 4.82 10.97
CA PHE A 155 -0.09 3.73 11.91
C PHE A 155 0.19 2.44 11.13
N THR A 156 1.20 1.70 11.59
CA THR A 156 1.77 0.60 10.82
C THR A 156 1.83 -0.70 11.60
N TRP A 157 1.57 -1.80 10.92
CA TRP A 157 1.67 -3.12 11.55
C TRP A 157 2.70 -3.96 10.81
N LEU A 158 3.45 -4.73 11.57
CA LEU A 158 4.54 -5.52 11.03
C LEU A 158 4.39 -7.01 11.34
N TYR A 159 4.48 -7.84 10.32
CA TYR A 159 4.41 -9.30 10.48
C TYR A 159 5.52 -9.99 9.74
N PRO A 160 6.31 -10.82 10.45
CA PRO A 160 7.38 -11.59 9.81
C PRO A 160 6.81 -12.78 9.06
N THR A 161 7.26 -13.02 7.83
CA THR A 161 6.84 -14.21 7.10
C THR A 161 8.01 -15.01 6.52
N LYS A 162 7.71 -16.22 6.04
CA LYS A 162 8.72 -17.05 5.39
C LYS A 162 8.70 -16.86 3.89
N ALA A 163 7.61 -16.28 3.39
CA ALA A 163 7.43 -16.05 1.96
C ALA A 163 6.47 -14.89 1.74
N PRO A 164 6.58 -14.21 0.58
CA PRO A 164 5.58 -13.19 0.31
C PRO A 164 4.33 -13.84 -0.31
N SER A 165 3.73 -14.78 0.42
CA SER A 165 2.60 -15.57 -0.06
C SER A 165 1.23 -15.06 0.38
N THR A 166 0.22 -15.42 -0.41
CA THR A 166 -1.17 -15.21 -0.06
C THR A 166 -1.47 -15.80 1.31
N SER A 167 -1.01 -17.03 1.54
CA SER A 167 -1.42 -17.68 2.76
C SER A 167 -0.89 -16.94 3.98
N ALA A 168 0.35 -16.47 3.90
CA ALA A 168 0.98 -15.80 5.03
C ALA A 168 0.39 -14.41 5.16
N THR A 169 -0.02 -13.84 4.02
CA THR A 169 -0.74 -12.58 4.04
C THR A 169 -2.06 -12.77 4.81
N VAL A 170 -2.77 -13.83 4.49
CA VAL A 170 -4.07 -14.08 5.11
C VAL A 170 -3.91 -14.33 6.62
N LYS A 171 -2.97 -15.20 7.03
CA LYS A 171 -2.72 -15.40 8.44
C LYS A 171 -2.53 -14.08 9.17
N SER A 172 -1.67 -13.20 8.64
CA SER A 172 -1.36 -11.93 9.31
C SER A 172 -2.59 -11.03 9.41
N LEU A 173 -3.32 -10.89 8.30
CA LEU A 173 -4.45 -9.96 8.27
C LEU A 173 -5.66 -10.41 9.12
N ASN A 174 -5.86 -11.72 9.23
CA ASN A 174 -6.82 -12.24 10.20
C ASN A 174 -6.48 -11.72 11.58
N VAL A 175 -5.20 -11.67 11.94
CA VAL A 175 -4.81 -11.15 13.24
C VAL A 175 -5.01 -9.63 13.32
N LEU A 176 -4.62 -8.91 12.27
CA LEU A 176 -4.76 -7.46 12.30
C LEU A 176 -6.23 -7.05 12.36
N THR A 177 -7.06 -7.72 11.56
CA THR A 177 -8.45 -7.30 11.41
C THR A 177 -9.31 -7.75 12.58
N SER A 178 -8.69 -8.43 13.56
CA SER A 178 -9.29 -8.59 14.88
C SER A 178 -9.60 -7.26 15.48
N ILE A 179 -8.77 -6.26 15.16
CA ILE A 179 -8.92 -4.94 15.76
C ILE A 179 -10.03 -4.18 15.05
N ALA A 180 -10.04 -4.24 13.71
CA ALA A 180 -10.96 -3.48 12.88
C ALA A 180 -10.85 -3.97 11.46
N ILE A 181 -11.93 -3.85 10.69
CA ILE A 181 -11.93 -4.23 9.27
C ILE A 181 -11.79 -2.93 8.47
N PRO A 182 -10.92 -2.92 7.43
CA PRO A 182 -10.77 -1.70 6.64
C PRO A 182 -11.76 -1.67 5.48
N LYS A 183 -12.13 -0.49 4.98
CA LYS A 183 -12.99 -0.40 3.79
C LYS A 183 -12.25 -0.93 2.57
N VAL A 184 -11.02 -0.45 2.39
CA VAL A 184 -10.19 -0.74 1.22
C VAL A 184 -8.79 -1.16 1.67
N ILE A 185 -8.22 -2.12 0.95
CA ILE A 185 -6.80 -2.44 1.04
C ILE A 185 -6.15 -2.20 -0.34
N HIS A 186 -5.13 -1.35 -0.35
CA HIS A 186 -4.39 -1.04 -1.58
C HIS A 186 -3.08 -1.80 -1.61
N SER A 187 -2.83 -2.49 -2.71
CA SER A 187 -1.56 -3.18 -2.87
C SER A 187 -1.06 -3.07 -4.30
N ASP A 188 0.21 -3.39 -4.48
CA ASP A 188 0.83 -3.49 -5.81
C ASP A 188 0.46 -4.85 -6.41
N GLN A 189 1.08 -5.22 -7.53
CA GLN A 189 0.65 -6.45 -8.19
C GLN A 189 1.38 -7.74 -7.84
N GLY A 190 1.88 -7.81 -6.62
CA GLY A 190 2.57 -9.02 -6.15
C GLY A 190 1.72 -10.28 -6.24
N ALA A 191 2.38 -11.42 -6.50
CA ALA A 191 1.69 -12.71 -6.58
C ALA A 191 0.69 -12.87 -5.41
N ALA A 192 1.15 -12.53 -4.21
CA ALA A 192 0.40 -12.62 -2.94
C ALA A 192 -0.95 -11.94 -2.93
N PHE A 193 -1.07 -10.83 -3.67
CA PHE A 193 -2.21 -9.96 -3.50
C PHE A 193 -3.23 -10.09 -4.61
N THR A 194 -2.81 -10.72 -5.71
CA THR A 194 -3.62 -10.77 -6.91
C THR A 194 -4.23 -12.16 -7.09
N SER A 195 -3.82 -13.11 -6.25
CA SER A 195 -4.36 -14.46 -6.31
C SER A 195 -5.85 -14.43 -6.01
N SER A 196 -6.57 -15.39 -6.59
CA SER A 196 -8.01 -15.46 -6.37
C SER A 196 -8.35 -15.87 -4.93
N THR A 197 -7.45 -16.59 -4.27
CA THR A 197 -7.65 -16.89 -2.84
C THR A 197 -7.69 -15.61 -2.02
N PHE A 198 -6.88 -14.63 -2.39
CA PHE A 198 -6.87 -13.41 -1.63
C PHE A 198 -8.10 -12.60 -1.94
N ALA A 199 -8.53 -12.62 -3.20
CA ALA A 199 -9.75 -11.94 -3.62
C ALA A 199 -10.96 -12.41 -2.77
N GLU A 200 -11.06 -13.73 -2.60
CA GLU A 200 -12.11 -14.38 -1.81
C GLU A 200 -12.06 -13.94 -0.37
N TRP A 201 -10.85 -13.96 0.18
CA TRP A 201 -10.67 -13.63 1.57
C TRP A 201 -11.21 -12.22 1.84
N ALA A 202 -11.01 -11.30 0.90
CA ALA A 202 -11.44 -9.92 1.04
C ALA A 202 -12.95 -9.75 0.89
N LYS A 203 -13.52 -10.43 -0.09
CA LYS A 203 -14.94 -10.33 -0.39
C LYS A 203 -15.71 -10.86 0.83
N GLU A 204 -15.27 -12.02 1.33
CA GLU A 204 -15.75 -12.55 2.60
C GLU A 204 -15.93 -11.48 3.67
N ARG A 205 -15.13 -10.42 3.67
CA ARG A 205 -15.18 -9.45 4.75
C ARG A 205 -15.69 -8.07 4.34
N GLY A 206 -16.14 -7.96 3.10
CA GLY A 206 -16.65 -6.70 2.60
C GLY A 206 -15.55 -5.70 2.37
N ILE A 207 -14.33 -6.19 2.22
CA ILE A 207 -13.13 -5.38 1.92
C ILE A 207 -12.92 -5.28 0.41
N HIS A 208 -12.80 -4.05 -0.09
CA HIS A 208 -12.55 -3.80 -1.51
C HIS A 208 -11.03 -3.78 -1.83
N LEU A 209 -10.61 -4.58 -2.80
CA LEU A 209 -9.20 -4.58 -3.23
C LEU A 209 -8.91 -3.55 -4.33
N GLU A 210 -7.82 -2.82 -4.13
CA GLU A 210 -7.40 -1.76 -5.03
C GLU A 210 -5.96 -2.08 -5.41
N PHE A 211 -5.66 -2.10 -6.71
CA PHE A 211 -4.29 -2.41 -7.14
C PHE A 211 -3.56 -1.24 -7.80
N SER A 212 -2.27 -1.13 -7.49
CA SER A 212 -1.39 -0.20 -8.18
C SER A 212 -1.35 -0.60 -9.65
N THR A 213 -1.04 0.36 -10.51
CA THR A 213 -0.70 0.02 -11.88
C THR A 213 0.57 -0.82 -11.84
N PRO A 214 0.87 -1.55 -12.91
CA PRO A 214 2.01 -2.45 -12.73
C PRO A 214 3.35 -1.73 -12.88
N TYR A 215 4.37 -2.25 -12.21
CA TYR A 215 5.72 -1.67 -12.20
C TYR A 215 5.75 -0.17 -11.87
N HIS A 216 5.06 0.21 -10.80
CA HIS A 216 4.97 1.61 -10.37
C HIS A 216 4.85 1.71 -8.85
N PRO A 217 5.94 1.37 -8.13
CA PRO A 217 5.84 1.33 -6.67
C PRO A 217 5.47 2.65 -6.01
N GLN A 218 5.62 3.76 -6.72
CA GLN A 218 5.17 5.05 -6.22
C GLN A 218 3.69 5.04 -5.85
N SER A 219 2.94 4.19 -6.53
CA SER A 219 1.50 4.13 -6.32
C SER A 219 1.23 3.60 -4.92
N SER A 220 2.08 2.69 -4.42
CA SER A 220 2.05 2.32 -3.02
C SER A 220 2.97 3.18 -2.13
N GLY A 221 3.25 4.40 -2.55
CA GLY A 221 4.14 5.30 -1.82
C GLY A 221 3.96 5.40 -0.30
N LYS A 222 2.71 5.45 0.17
CA LYS A 222 2.43 5.43 1.60
C LYS A 222 3.17 4.30 2.29
N VAL A 223 3.02 3.07 1.82
CA VAL A 223 3.72 1.97 2.49
C VAL A 223 5.21 1.88 2.06
N GLU A 224 5.52 2.15 0.79
CA GLU A 224 6.92 2.04 0.36
C GLU A 224 7.78 2.90 1.26
N ARG A 225 7.31 4.12 1.50
CA ARG A 225 8.05 5.12 2.27
C ARG A 225 8.21 4.65 3.70
N LYS A 226 7.26 3.88 4.16
CA LYS A 226 7.34 3.40 5.53
C LYS A 226 8.39 2.30 5.60
N ASN A 227 8.43 1.47 4.56
CA ASN A 227 9.48 0.47 4.35
C ASN A 227 10.85 1.10 4.56
N SER A 228 11.07 2.28 3.98
CA SER A 228 12.31 2.95 4.17
C SER A 228 12.60 3.11 5.69
N ASP A 229 11.69 3.69 6.44
CA ASP A 229 11.97 3.95 7.83
C ASP A 229 12.20 2.64 8.58
N ILE A 230 11.49 1.59 8.17
CA ILE A 230 11.56 0.31 8.87
C ILE A 230 12.97 -0.25 8.67
N LYS A 231 13.42 -0.28 7.42
CA LYS A 231 14.78 -0.71 7.11
C LYS A 231 15.83 0.18 7.78
N ARG A 232 15.61 1.49 7.81
CA ARG A 232 16.59 2.42 8.35
C ARG A 232 16.78 2.23 9.86
N LEU A 233 15.67 2.04 10.57
CA LEU A 233 15.76 1.85 12.00
C LEU A 233 16.35 0.47 12.32
N LEU A 234 15.93 -0.55 11.57
CA LEU A 234 16.49 -1.89 11.75
C LEU A 234 18.01 -1.85 11.58
N THR A 235 18.47 -1.17 10.54
CA THR A 235 19.88 -1.07 10.28
C THR A 235 20.62 -0.49 11.49
N LYS A 236 20.13 0.65 12.00
CA LYS A 236 20.76 1.36 13.11
C LYS A 236 20.82 0.46 14.33
N LEU A 237 19.72 -0.23 14.60
CA LEU A 237 19.67 -1.08 15.78
C LEU A 237 20.60 -2.26 15.69
N LEU A 238 21.02 -2.58 14.47
CA LEU A 238 21.76 -3.81 14.23
C LEU A 238 23.26 -3.56 13.96
N VAL A 239 23.66 -2.30 13.94
CA VAL A 239 25.06 -1.91 13.74
C VAL A 239 25.94 -2.68 14.71
N GLY A 240 26.97 -3.35 14.17
CA GLY A 240 27.92 -4.09 15.00
C GLY A 240 27.38 -5.37 15.62
N ARG A 241 26.16 -5.78 15.29
CA ARG A 241 25.64 -7.06 15.75
C ARG A 241 25.28 -7.91 14.54
N PRO A 242 25.13 -9.23 14.74
CA PRO A 242 24.53 -10.00 13.63
C PRO A 242 23.07 -9.55 13.34
N THR A 243 22.68 -9.67 12.08
CA THR A 243 21.38 -9.18 11.63
C THR A 243 20.20 -10.07 12.06
N LYS A 244 20.01 -10.21 13.38
CA LYS A 244 18.85 -10.87 13.99
C LYS A 244 17.66 -9.90 14.12
N TRP A 245 16.98 -9.64 12.99
CA TRP A 245 15.88 -8.68 12.96
C TRP A 245 14.53 -9.17 13.52
N TYR A 246 14.28 -10.47 13.52
CA TYR A 246 12.97 -11.01 13.93
C TYR A 246 12.47 -10.45 15.27
N ASP A 247 13.37 -10.37 16.23
CA ASP A 247 13.05 -9.95 17.58
C ASP A 247 12.96 -8.43 17.68
N LEU A 248 13.23 -7.71 16.60
CA LEU A 248 13.17 -6.26 16.72
C LEU A 248 11.92 -5.70 16.05
N LEU A 249 11.33 -6.47 15.16
CA LEU A 249 10.07 -6.06 14.54
C LEU A 249 9.12 -5.37 15.52
N PRO A 250 8.77 -6.02 16.65
CA PRO A 250 7.86 -5.38 17.59
C PRO A 250 8.37 -4.05 18.08
N VAL A 251 9.64 -4.01 18.48
CA VAL A 251 10.27 -2.77 18.92
C VAL A 251 10.16 -1.68 17.86
N VAL A 252 10.50 -2.03 16.62
CA VAL A 252 10.50 -1.09 15.54
C VAL A 252 9.08 -0.55 15.32
N GLN A 253 8.11 -1.46 15.24
CA GLN A 253 6.69 -1.09 15.08
C GLN A 253 6.32 0.00 16.07
N LEU A 254 6.53 -0.30 17.35
CA LEU A 254 6.18 0.62 18.41
C LEU A 254 6.95 1.92 18.25
N ALA A 255 8.25 1.81 17.97
CA ALA A 255 9.12 2.98 17.87
C ALA A 255 8.56 3.93 16.82
N LEU A 256 8.26 3.38 15.64
CA LEU A 256 7.81 4.21 14.52
C LEU A 256 6.40 4.76 14.69
N ASN A 257 5.49 3.99 15.28
CA ASN A 257 4.13 4.43 15.46
C ASN A 257 4.07 5.57 16.46
N ASN A 258 5.12 5.67 17.28
CA ASN A 258 5.16 6.73 18.26
C ASN A 258 6.17 7.87 17.93
N THR A 259 6.59 7.94 16.67
CA THR A 259 7.51 8.98 16.21
C THR A 259 6.80 10.15 15.51
N TYR A 260 7.25 11.36 15.80
CA TYR A 260 6.58 12.53 15.28
C TYR A 260 6.90 12.73 13.80
N SER A 261 5.91 13.10 13.00
CA SER A 261 6.19 13.62 11.69
C SER A 261 6.34 15.13 11.86
N PRO A 262 7.55 15.67 11.67
CA PRO A 262 7.70 17.11 11.89
C PRO A 262 6.74 18.00 11.09
N VAL A 263 6.33 17.59 9.90
CA VAL A 263 5.39 18.42 9.14
C VAL A 263 3.99 18.42 9.75
N LEU A 264 3.60 17.31 10.36
CA LEU A 264 2.25 17.17 10.90
C LEU A 264 2.20 17.61 12.33
N LYS A 265 3.29 17.36 13.06
CA LYS A 265 3.36 17.58 14.53
C LYS A 265 2.58 16.55 15.32
N TYR A 266 2.44 15.36 14.75
CA TYR A 266 1.73 14.28 15.43
C TYR A 266 2.44 12.97 15.15
N THR A 267 2.25 12.00 16.03
CA THR A 267 2.73 10.66 15.77
C THR A 267 1.55 9.87 15.22
N PRO A 268 1.82 8.79 14.48
CA PRO A 268 0.70 8.00 14.00
C PRO A 268 -0.19 7.50 15.16
N HIS A 269 0.41 7.19 16.29
CA HIS A 269 -0.37 6.75 17.45
C HIS A 269 -1.43 7.80 17.77
N GLN A 270 -0.97 9.03 17.96
CA GLN A 270 -1.85 10.17 18.24
C GLN A 270 -2.95 10.30 17.20
N LEU A 271 -2.60 10.20 15.93
CA LEU A 271 -3.61 10.27 14.89
C LEU A 271 -4.65 9.13 15.04
N LEU A 272 -4.21 7.96 15.49
CA LEU A 272 -5.13 6.84 15.62
C LEU A 272 -6.02 6.84 16.88
N PHE A 273 -5.50 7.38 17.98
CA PHE A 273 -6.15 7.21 19.28
C PHE A 273 -6.41 8.54 19.99
N GLY A 274 -5.80 9.62 19.51
CA GLY A 274 -5.97 10.94 20.13
C GLY A 274 -5.35 11.05 21.52
N ILE A 275 -4.68 9.99 21.97
CA ILE A 275 -3.97 10.05 23.23
C ILE A 275 -2.80 9.07 23.29
N ASP A 276 -1.64 9.52 23.79
CA ASP A 276 -0.49 8.63 23.96
C ASP A 276 -0.77 7.52 24.97
N SER A 277 -0.21 6.35 24.71
CA SER A 277 -0.28 5.31 25.70
C SER A 277 0.95 5.46 26.61
N ASN A 278 1.26 4.46 27.41
CA ASN A 278 2.30 4.59 28.41
C ASN A 278 3.68 4.30 27.80
N THR A 279 4.12 5.21 26.94
CA THR A 279 5.41 5.05 26.30
C THR A 279 6.17 6.28 26.70
N PRO A 280 7.50 6.26 26.55
CA PRO A 280 8.36 7.35 26.98
C PRO A 280 8.00 8.65 26.36
N PHE A 281 8.09 9.72 27.14
CA PHE A 281 7.79 11.08 26.68
C PHE A 281 6.37 11.23 26.19
N ALA A 282 5.43 10.55 26.84
CA ALA A 282 4.02 10.67 26.44
C ALA A 282 3.56 12.12 26.52
N ASN A 283 2.77 12.55 25.54
CA ASN A 283 2.24 13.88 25.58
C ASN A 283 1.07 13.96 26.58
N GLN A 284 0.94 15.09 27.27
CA GLN A 284 -0.03 15.22 28.38
C GLN A 284 -1.02 16.35 28.21
N ASP A 285 -0.93 17.06 27.10
CA ASP A 285 -1.76 18.23 26.89
C ASP A 285 -3.25 18.02 27.12
N THR A 286 -3.77 16.81 26.95
CA THR A 286 -5.21 16.60 27.10
C THR A 286 -5.59 15.92 28.41
N LEU A 287 -4.74 16.07 29.42
CA LEU A 287 -4.94 15.36 30.67
C LEU A 287 -6.24 15.77 31.34
N ASP A 288 -6.63 17.03 31.13
CA ASP A 288 -7.81 17.59 31.79
C ASP A 288 -9.09 17.59 30.96
N LEU A 289 -9.02 17.04 29.75
CA LEU A 289 -10.21 16.92 28.92
C LEU A 289 -10.87 15.58 29.20
N THR A 290 -12.15 15.48 28.93
CA THR A 290 -12.81 14.19 29.04
C THR A 290 -12.43 13.41 27.78
N ARG A 291 -12.70 12.12 27.74
CA ARG A 291 -12.36 11.39 26.56
C ARG A 291 -13.16 11.98 25.41
N GLU A 292 -14.39 12.39 25.70
CA GLU A 292 -15.27 12.90 24.67
C GLU A 292 -14.76 14.25 24.21
N GLU A 293 -14.29 15.08 25.13
CA GLU A 293 -13.65 16.32 24.74
C GLU A 293 -12.41 16.03 23.88
N GLU A 294 -11.70 14.96 24.23
CA GLU A 294 -10.47 14.57 23.57
C GLU A 294 -10.70 14.11 22.13
N LEU A 295 -11.73 13.28 21.93
CA LEU A 295 -12.10 12.77 20.61
C LEU A 295 -12.58 13.89 19.71
N SER A 296 -13.04 14.94 20.34
CA SER A 296 -13.59 16.07 19.64
C SER A 296 -12.41 16.88 19.09
N LEU A 297 -11.37 17.06 19.92
CA LEU A 297 -10.16 17.71 19.46
C LEU A 297 -9.41 16.85 18.42
N LEU A 298 -9.47 15.54 18.57
CA LEU A 298 -8.94 14.62 17.55
C LEU A 298 -9.62 14.76 16.19
N GLN A 299 -10.95 14.79 16.15
CA GLN A 299 -11.66 14.95 14.87
C GLN A 299 -11.22 16.21 14.16
N GLU A 300 -10.98 17.26 14.93
CA GLU A 300 -10.53 18.53 14.41
C GLU A 300 -9.07 18.48 13.93
N ILE A 301 -8.21 17.83 14.69
CA ILE A 301 -6.82 17.64 14.28
C ILE A 301 -6.74 16.82 13.02
N ARG A 302 -7.56 15.78 12.93
CA ARG A 302 -7.58 14.93 11.75
C ARG A 302 -7.95 15.67 10.46
N THR A 303 -8.83 16.65 10.53
CA THR A 303 -9.26 17.28 9.27
C THR A 303 -8.32 18.36 8.82
N SER A 304 -7.61 18.99 9.75
CA SER A 304 -6.74 20.11 9.43
C SER A 304 -5.28 19.75 9.10
N LEU A 305 -4.99 18.47 8.81
CA LEU A 305 -3.60 18.08 8.52
C LEU A 305 -3.13 18.65 7.19
N TYR A 306 -1.87 19.04 7.16
CA TYR A 306 -1.22 19.53 5.97
C TYR A 306 -1.36 18.57 4.79
N HIS A 307 -1.72 19.10 3.64
CA HIS A 307 -1.75 18.28 2.46
C HIS A 307 -1.02 18.93 1.28
N PRO A 308 -0.06 18.21 0.69
CA PRO A 308 0.77 18.79 -0.38
C PRO A 308 0.02 18.95 -1.71
N SER A 309 0.50 19.82 -2.58
CA SER A 309 -0.10 19.93 -3.90
C SER A 309 0.81 19.41 -5.01
N THR A 310 0.16 18.99 -6.11
CA THR A 310 0.79 18.68 -7.39
C THR A 310 1.89 19.74 -7.74
N PRO A 311 3.15 19.29 -7.93
CA PRO A 311 4.27 20.20 -8.21
C PRO A 311 4.20 20.76 -9.62
N PRO A 312 5.04 21.77 -9.94
CA PRO A 312 4.99 22.26 -11.31
C PRO A 312 5.50 21.22 -12.32
N ALA A 313 4.85 21.15 -13.48
CA ALA A 313 5.29 20.33 -14.61
C ALA A 313 6.72 20.68 -14.99
N SER A 314 7.49 19.72 -15.49
CA SER A 314 8.81 20.07 -16.00
C SER A 314 8.64 20.73 -17.37
N SER A 315 9.66 21.47 -17.85
CA SER A 315 9.50 22.24 -19.10
C SER A 315 9.15 21.43 -20.35
N ARG A 316 9.37 20.12 -20.33
CA ARG A 316 9.05 19.29 -21.47
C ARG A 316 8.33 17.99 -21.16
N SER A 317 7.21 18.09 -20.44
CA SER A 317 6.40 16.91 -20.09
C SER A 317 5.29 16.66 -21.10
N TRP A 318 4.66 15.51 -21.00
CA TRP A 318 3.52 15.25 -21.84
C TRP A 318 2.40 14.77 -20.95
N SER A 319 1.17 15.07 -21.36
CA SER A 319 0.01 14.51 -20.70
C SER A 319 -0.84 13.79 -21.72
N PRO A 320 -1.35 12.60 -21.35
CA PRO A 320 -2.06 11.70 -22.26
C PRO A 320 -3.39 12.25 -22.77
N VAL A 321 -3.66 12.00 -24.05
CA VAL A 321 -4.87 12.43 -24.73
C VAL A 321 -5.57 11.15 -25.24
N VAL A 322 -6.90 11.10 -25.14
CA VAL A 322 -7.63 9.95 -25.69
C VAL A 322 -7.30 9.79 -27.17
N GLY A 323 -6.97 8.55 -27.56
CA GLY A 323 -6.66 8.25 -28.97
C GLY A 323 -5.19 8.37 -29.38
N GLN A 324 -4.34 8.88 -28.48
CA GLN A 324 -2.90 9.04 -28.72
C GLN A 324 -2.20 7.68 -28.86
N LEU A 325 -1.22 7.63 -29.75
CA LEU A 325 -0.32 6.48 -29.88
C LEU A 325 0.78 6.61 -28.84
N VAL A 326 0.90 5.61 -27.99
CA VAL A 326 1.80 5.64 -26.86
C VAL A 326 2.42 4.27 -26.78
N GLN A 327 3.53 4.14 -26.08
CA GLN A 327 4.14 2.82 -25.96
C GLN A 327 4.43 2.47 -24.54
N GLU A 328 4.19 1.22 -24.20
CA GLU A 328 4.40 0.75 -22.86
C GLU A 328 5.81 0.22 -22.76
N ARG A 329 6.48 0.51 -21.64
CA ARG A 329 7.83 0.04 -21.41
C ARG A 329 7.83 -1.47 -21.29
N VAL A 330 8.78 -2.16 -21.89
CA VAL A 330 8.93 -3.57 -21.63
C VAL A 330 9.40 -3.68 -20.17
N ALA A 331 8.77 -4.56 -19.41
CA ALA A 331 9.03 -4.62 -17.96
C ALA A 331 10.39 -5.24 -17.58
N ARG A 332 10.71 -6.39 -18.18
CA ARG A 332 11.93 -7.09 -17.82
C ARG A 332 12.67 -7.48 -19.12
N PRO A 333 13.17 -6.46 -19.84
CA PRO A 333 13.65 -6.68 -21.19
C PRO A 333 14.93 -7.45 -21.15
N ALA A 334 15.01 -8.47 -21.99
CA ALA A 334 16.21 -9.28 -22.13
C ALA A 334 17.35 -8.42 -22.68
N SER A 335 18.57 -8.93 -22.51
CA SER A 335 19.73 -8.23 -23.00
C SER A 335 19.65 -8.02 -24.52
N LEU A 336 19.97 -6.81 -24.96
CA LEU A 336 19.96 -6.45 -26.41
C LEU A 336 18.60 -6.51 -27.07
N ARG A 337 17.52 -6.36 -26.28
CA ARG A 337 16.16 -6.37 -26.79
C ARG A 337 15.50 -5.03 -26.50
N PRO A 338 14.51 -4.65 -27.31
CA PRO A 338 13.89 -3.34 -27.15
C PRO A 338 13.32 -3.07 -25.76
N ARG A 339 13.38 -1.81 -25.35
CA ARG A 339 12.91 -1.41 -24.05
C ARG A 339 11.42 -1.03 -24.11
N TRP A 340 10.88 -0.92 -25.32
CA TRP A 340 9.47 -0.55 -25.50
C TRP A 340 8.68 -1.57 -26.31
N HIS A 341 7.39 -1.74 -25.97
CA HIS A 341 6.44 -2.51 -26.77
C HIS A 341 6.02 -1.72 -28.00
N LYS A 342 5.29 -2.37 -28.91
CA LYS A 342 4.82 -1.71 -30.13
C LYS A 342 3.87 -0.61 -29.74
N PRO A 343 3.63 0.34 -30.65
CA PRO A 343 2.66 1.37 -30.32
C PRO A 343 1.27 0.83 -29.96
N SER A 344 0.52 1.60 -29.19
CA SER A 344 -0.83 1.22 -28.78
C SER A 344 -1.61 2.49 -28.48
N THR A 345 -2.92 2.37 -28.26
CA THR A 345 -3.78 3.56 -28.25
C THR A 345 -4.42 3.78 -26.89
N VAL A 346 -4.53 5.05 -26.52
CA VAL A 346 -5.15 5.46 -25.27
C VAL A 346 -6.68 5.39 -25.42
N LEU A 347 -7.28 4.41 -24.75
CA LEU A 347 -8.73 4.26 -24.67
C LEU A 347 -9.31 5.28 -23.72
N LYS A 348 -8.82 5.29 -22.49
CA LYS A 348 -9.36 6.23 -21.52
C LYS A 348 -8.26 6.88 -20.70
N VAL A 349 -8.38 8.19 -20.51
CA VAL A 349 -7.57 8.95 -19.55
C VAL A 349 -8.23 8.90 -18.18
N LEU A 350 -7.89 7.90 -17.37
CA LEU A 350 -8.45 7.76 -16.01
C LEU A 350 -8.20 8.98 -15.13
N ASN A 351 -6.95 9.42 -15.06
CA ASN A 351 -6.59 10.74 -14.50
C ASN A 351 -5.37 11.19 -15.30
N PRO A 352 -4.84 12.40 -15.06
CA PRO A 352 -3.75 12.81 -15.93
C PRO A 352 -2.44 11.96 -15.79
N ARG A 353 -2.40 11.02 -14.85
CA ARG A 353 -1.19 10.22 -14.67
C ARG A 353 -1.50 8.75 -14.86
N THR A 354 -2.76 8.43 -15.15
CA THR A 354 -3.19 7.03 -15.32
C THR A 354 -4.11 6.82 -16.54
N VAL A 355 -3.82 5.80 -17.33
CA VAL A 355 -4.57 5.55 -18.54
C VAL A 355 -4.86 4.08 -18.79
N VAL A 356 -5.93 3.83 -19.55
CA VAL A 356 -6.24 2.53 -20.11
C VAL A 356 -5.80 2.57 -21.57
N ILE A 357 -5.14 1.50 -22.00
CA ILE A 357 -4.68 1.41 -23.36
C ILE A 357 -5.11 0.09 -23.98
N LEU A 358 -5.36 0.13 -25.29
CA LEU A 358 -5.58 -1.07 -26.07
C LEU A 358 -4.27 -1.48 -26.72
N ASP A 359 -3.76 -2.65 -26.35
CA ASP A 359 -2.36 -2.96 -26.67
C ASP A 359 -2.00 -3.61 -28.02
N HIS A 360 -2.89 -3.55 -29.04
CA HIS A 360 -2.69 -4.24 -30.37
C HIS A 360 -2.95 -5.77 -30.40
N LEU A 361 -2.97 -6.44 -29.23
CA LEU A 361 -3.32 -7.88 -29.13
C LEU A 361 -4.83 -8.16 -29.39
N GLY A 362 -5.75 -7.33 -28.90
CA GLY A 362 -5.47 -6.19 -28.02
C GLY A 362 -6.18 -6.29 -26.68
N ASN A 363 -5.42 -6.21 -25.60
CA ASN A 363 -6.02 -6.21 -24.28
C ASN A 363 -6.10 -4.80 -23.75
N ASN A 364 -7.04 -4.61 -22.83
CA ASN A 364 -7.13 -3.40 -22.04
C ASN A 364 -6.12 -3.54 -20.91
N ARG A 365 -5.26 -2.54 -20.76
CA ARG A 365 -4.32 -2.52 -19.64
C ARG A 365 -4.40 -1.18 -18.96
N THR A 366 -4.45 -1.20 -17.63
CA THR A 366 -4.38 0.04 -16.86
C THR A 366 -2.92 0.27 -16.44
N VAL A 367 -2.43 1.47 -16.70
CA VAL A 367 -1.03 1.69 -16.84
C VAL A 367 -0.68 3.12 -16.41
N SER A 368 0.45 3.25 -15.71
CA SER A 368 0.97 4.55 -15.28
C SER A 368 1.62 5.24 -16.46
N ILE A 369 1.52 6.56 -16.57
CA ILE A 369 2.21 7.21 -17.68
C ILE A 369 3.74 7.16 -17.54
N ASP A 370 4.23 6.95 -16.31
CA ASP A 370 5.63 6.72 -16.09
C ASP A 370 6.11 5.49 -16.84
N ASN A 371 5.21 4.59 -17.20
CA ASN A 371 5.63 3.45 -18.00
C ASN A 371 5.23 3.59 -19.46
N LEU A 372 5.09 4.83 -19.89
CA LEU A 372 4.74 5.12 -21.26
C LEU A 372 5.60 6.21 -21.88
N LYS A 373 5.81 6.10 -23.19
CA LYS A 373 6.23 7.26 -23.96
C LYS A 373 5.23 7.54 -25.09
N PRO A 374 5.10 8.82 -25.46
CA PRO A 374 4.31 9.11 -26.64
C PRO A 374 5.08 8.69 -27.86
N THR A 375 4.43 7.94 -28.75
CA THR A 375 5.08 7.54 -29.98
C THR A 375 5.51 8.76 -30.78
N SER A 376 6.75 8.74 -31.24
CA SER A 376 7.35 9.89 -31.91
C SER A 376 6.93 10.02 -33.34
N HIS A 377 6.93 11.26 -33.83
CA HIS A 377 6.62 11.52 -35.23
C HIS A 377 5.16 11.22 -35.59
N GLN A 378 4.28 11.09 -34.59
CA GLN A 378 2.81 10.79 -34.73
C GLN A 378 2.42 9.35 -35.12
N ASP B 119 -9.17 15.57 40.39
CA ASP B 119 -8.89 14.25 39.76
C ASP B 119 -9.11 14.25 38.23
N ARG B 120 -8.12 13.72 37.49
CA ARG B 120 -8.17 13.69 36.01
C ARG B 120 -9.14 12.63 35.49
N PRO B 121 -9.87 12.93 34.41
CA PRO B 121 -10.81 11.97 33.81
C PRO B 121 -10.16 10.70 33.27
N GLN B 122 -10.89 9.60 33.33
CA GLN B 122 -10.42 8.29 32.92
C GLN B 122 -10.10 8.24 31.41
N LYS B 123 -9.10 7.46 31.01
CA LYS B 123 -8.67 7.42 29.61
C LYS B 123 -8.35 6.01 29.13
N PRO B 124 -8.35 5.80 27.79
CA PRO B 124 -7.86 4.54 27.23
C PRO B 124 -6.42 4.38 27.65
N PHE B 125 -6.01 3.14 27.90
CA PHE B 125 -4.62 2.82 28.27
C PHE B 125 -4.31 3.14 29.71
N ASP B 126 -5.27 3.70 30.44
CA ASP B 126 -5.10 3.91 31.89
C ASP B 126 -4.99 2.63 32.66
N LYS B 127 -5.74 1.62 32.26
CA LYS B 127 -5.76 0.37 32.98
C LYS B 127 -6.23 -0.76 32.07
N PHE B 128 -5.48 -1.85 32.06
CA PHE B 128 -5.89 -3.03 31.31
C PHE B 128 -6.30 -4.09 32.30
N PHE B 129 -7.43 -4.73 32.07
CA PHE B 129 -7.83 -5.82 32.95
C PHE B 129 -7.58 -7.13 32.22
N ILE B 130 -6.79 -7.99 32.84
CA ILE B 130 -6.43 -9.25 32.20
C ILE B 130 -6.90 -10.47 32.99
N ASP B 131 -7.16 -11.54 32.25
CA ASP B 131 -7.56 -12.77 32.88
C ASP B 131 -7.48 -13.91 31.89
N TYR B 132 -7.42 -15.13 32.40
CA TYR B 132 -7.46 -16.32 31.55
C TYR B 132 -8.85 -16.97 31.55
N ILE B 133 -9.20 -17.62 30.45
CA ILE B 133 -10.39 -18.44 30.37
C ILE B 133 -9.93 -19.80 29.90
N GLY B 134 -10.36 -20.87 30.57
CA GLY B 134 -10.02 -22.21 30.16
C GLY B 134 -9.68 -23.10 31.33
N PRO B 135 -9.26 -24.35 31.06
CA PRO B 135 -8.97 -24.89 29.72
C PRO B 135 -10.22 -25.02 28.85
N LEU B 136 -10.01 -25.00 27.55
CA LEU B 136 -11.08 -25.20 26.60
C LEU B 136 -10.76 -26.46 25.79
N PRO B 137 -11.71 -26.92 24.96
CA PRO B 137 -11.32 -28.01 24.05
C PRO B 137 -10.18 -27.52 23.15
N PRO B 138 -9.19 -28.38 22.91
CA PRO B 138 -8.06 -28.00 22.06
C PRO B 138 -8.55 -27.46 20.74
N SER B 139 -8.04 -26.29 20.34
CA SER B 139 -8.28 -25.78 18.99
C SER B 139 -6.97 -25.32 18.36
N GLN B 140 -6.51 -26.07 17.35
CA GLN B 140 -5.20 -25.84 16.71
C GLN B 140 -4.07 -25.85 17.74
N GLY B 141 -4.20 -26.70 18.77
CA GLY B 141 -3.16 -26.86 19.79
C GLY B 141 -3.28 -25.86 20.94
N TYR B 142 -4.33 -25.04 20.93
CA TYR B 142 -4.52 -24.03 21.98
C TYR B 142 -5.60 -24.40 22.97
N LEU B 143 -5.41 -23.97 24.21
CA LEU B 143 -6.30 -24.35 25.32
C LEU B 143 -6.95 -23.21 26.10
N TYR B 144 -6.32 -22.03 26.10
CA TYR B 144 -6.77 -20.94 26.95
C TYR B 144 -6.93 -19.67 26.14
N VAL B 145 -7.58 -18.67 26.71
CA VAL B 145 -7.67 -17.38 26.08
C VAL B 145 -7.28 -16.38 27.12
N LEU B 146 -6.30 -15.55 26.82
CA LEU B 146 -5.99 -14.45 27.67
C LEU B 146 -6.91 -13.33 27.22
N VAL B 147 -7.55 -12.66 28.17
CA VAL B 147 -8.52 -11.63 27.87
C VAL B 147 -7.99 -10.30 28.36
N VAL B 148 -7.95 -9.32 27.48
CA VAL B 148 -7.52 -7.99 27.88
C VAL B 148 -8.64 -7.02 27.59
N VAL B 149 -9.01 -6.23 28.58
CA VAL B 149 -10.07 -5.28 28.43
C VAL B 149 -9.57 -3.96 28.93
N ASP B 150 -9.63 -2.97 28.06
CA ASP B 150 -9.32 -1.62 28.48
C ASP B 150 -10.45 -1.11 29.38
N GLY B 151 -10.07 -0.52 30.51
CA GLY B 151 -11.01 -0.09 31.54
C GLY B 151 -11.91 1.05 31.09
N MET B 152 -11.30 2.07 30.51
CA MET B 152 -12.06 3.22 30.02
C MET B 152 -12.96 2.90 28.82
N THR B 153 -12.45 2.23 27.79
CA THR B 153 -13.23 2.03 26.58
C THR B 153 -14.03 0.75 26.59
N GLY B 154 -13.62 -0.21 27.40
CA GLY B 154 -14.21 -1.54 27.32
C GLY B 154 -13.74 -2.37 26.12
N PHE B 155 -12.71 -1.85 25.43
CA PHE B 155 -12.17 -2.54 24.27
C PHE B 155 -11.51 -3.86 24.67
N THR B 156 -11.70 -4.88 23.87
CA THR B 156 -11.22 -6.21 24.22
C THR B 156 -10.20 -6.71 23.21
N TRP B 157 -9.13 -7.30 23.73
CA TRP B 157 -8.21 -8.09 22.93
C TRP B 157 -8.19 -9.50 23.50
N LEU B 158 -8.14 -10.48 22.61
CA LEU B 158 -8.05 -11.88 23.01
C LEU B 158 -6.79 -12.56 22.44
N TYR B 159 -6.09 -13.34 23.27
CA TYR B 159 -4.95 -14.12 22.77
C TYR B 159 -5.06 -15.57 23.17
N PRO B 160 -4.99 -16.47 22.18
CA PRO B 160 -4.95 -17.92 22.43
C PRO B 160 -3.61 -18.32 23.04
N THR B 161 -3.61 -19.07 24.12
CA THR B 161 -2.37 -19.63 24.66
C THR B 161 -2.49 -21.15 24.84
N LYS B 162 -1.37 -21.80 25.16
CA LYS B 162 -1.38 -23.25 25.41
C LYS B 162 -1.39 -23.54 26.91
N ALA B 163 -1.30 -22.49 27.72
CA ALA B 163 -1.17 -22.61 29.17
C ALA B 163 -1.36 -21.26 29.84
N PRO B 164 -1.88 -21.25 31.08
CA PRO B 164 -1.97 -20.02 31.84
C PRO B 164 -0.68 -19.73 32.58
N SER B 165 0.42 -19.65 31.83
CA SER B 165 1.75 -19.47 32.44
C SER B 165 2.23 -18.06 32.30
N THR B 166 3.27 -17.71 33.03
CA THR B 166 3.89 -16.41 32.88
C THR B 166 4.44 -16.27 31.47
N SER B 167 5.06 -17.34 30.98
CA SER B 167 5.66 -17.34 29.66
C SER B 167 4.62 -16.98 28.59
N ALA B 168 3.48 -17.67 28.61
CA ALA B 168 2.43 -17.45 27.59
C ALA B 168 1.83 -16.06 27.70
N THR B 169 1.79 -15.55 28.93
CA THR B 169 1.26 -14.23 29.16
C THR B 169 2.20 -13.21 28.54
N VAL B 170 3.49 -13.36 28.83
CA VAL B 170 4.51 -12.44 28.32
C VAL B 170 4.53 -12.47 26.80
N LYS B 171 4.45 -13.64 26.21
CA LYS B 171 4.46 -13.78 24.76
C LYS B 171 3.30 -12.97 24.18
N SER B 172 2.11 -13.19 24.73
CA SER B 172 0.89 -12.54 24.25
C SER B 172 0.86 -11.04 24.52
N LEU B 173 1.21 -10.64 25.73
CA LEU B 173 1.22 -9.21 26.04
C LEU B 173 2.27 -8.46 25.23
N ASN B 174 3.30 -9.16 24.76
CA ASN B 174 4.34 -8.56 23.92
C ASN B 174 3.77 -8.12 22.60
N VAL B 175 2.87 -8.93 22.06
CA VAL B 175 2.11 -8.53 20.88
C VAL B 175 1.30 -7.28 21.21
N LEU B 176 0.42 -7.35 22.19
CA LEU B 176 -0.41 -6.22 22.53
C LEU B 176 0.42 -4.97 22.84
N THR B 177 1.47 -5.12 23.65
CA THR B 177 2.17 -3.95 24.16
C THR B 177 3.11 -3.38 23.11
N SER B 178 3.13 -4.02 21.94
CA SER B 178 3.83 -3.44 20.79
C SER B 178 2.86 -2.58 19.97
N ILE B 179 1.59 -2.57 20.37
CA ILE B 179 0.61 -1.67 19.80
C ILE B 179 0.36 -0.53 20.75
N ALA B 180 0.07 -0.82 22.01
CA ALA B 180 -0.11 0.24 23.01
C ALA B 180 0.22 -0.30 24.39
N ILE B 181 0.76 0.56 25.24
CA ILE B 181 1.22 0.15 26.56
C ILE B 181 0.33 0.78 27.64
N PRO B 182 -0.22 -0.05 28.55
CA PRO B 182 -1.06 0.47 29.63
C PRO B 182 -0.21 1.00 30.77
N LYS B 183 -0.72 2.00 31.51
CA LYS B 183 -0.09 2.42 32.76
C LYS B 183 -0.17 1.33 33.84
N VAL B 184 -1.32 0.67 33.90
CA VAL B 184 -1.58 -0.30 34.95
C VAL B 184 -2.23 -1.52 34.34
N ILE B 185 -1.78 -2.69 34.76
CA ILE B 185 -2.46 -3.95 34.47
C ILE B 185 -3.10 -4.44 35.78
N HIS B 186 -4.41 -4.70 35.74
CA HIS B 186 -5.11 -5.29 36.89
C HIS B 186 -5.38 -6.77 36.66
N SER B 187 -5.21 -7.57 37.70
CA SER B 187 -5.53 -9.00 37.61
C SER B 187 -5.87 -9.52 38.98
N ASP B 188 -6.47 -10.71 39.01
CA ASP B 188 -6.52 -11.49 40.23
C ASP B 188 -5.12 -12.01 40.58
N GLN B 189 -5.02 -12.91 41.55
CA GLN B 189 -3.70 -13.38 41.98
C GLN B 189 -3.33 -14.72 41.36
N GLY B 190 -3.64 -14.89 40.08
CA GLY B 190 -3.21 -16.07 39.33
C GLY B 190 -1.71 -16.26 39.36
N ALA B 191 -1.27 -17.52 39.25
CA ALA B 191 0.14 -17.83 39.36
C ALA B 191 0.96 -17.08 38.30
N ALA B 192 0.45 -17.09 37.07
CA ALA B 192 1.07 -16.40 35.95
C ALA B 192 1.23 -14.91 36.20
N PHE B 193 0.36 -14.29 37.00
CA PHE B 193 0.42 -12.83 37.17
C PHE B 193 1.19 -12.40 38.39
N THR B 194 1.39 -13.32 39.33
CA THR B 194 2.12 -12.96 40.56
C THR B 194 3.58 -13.43 40.58
N SER B 195 4.01 -14.14 39.52
CA SER B 195 5.41 -14.55 39.39
C SER B 195 6.32 -13.34 39.31
N SER B 196 7.56 -13.50 39.76
CA SER B 196 8.53 -12.40 39.69
C SER B 196 9.03 -12.14 38.25
N THR B 197 9.00 -13.17 37.40
CA THR B 197 9.24 -12.95 35.98
C THR B 197 8.23 -11.95 35.45
N PHE B 198 6.93 -12.22 35.62
CA PHE B 198 5.91 -11.28 35.17
C PHE B 198 6.09 -9.91 35.80
N ALA B 199 6.56 -9.86 37.04
CA ALA B 199 6.87 -8.57 37.66
C ALA B 199 8.06 -7.86 36.98
N GLU B 200 9.13 -8.61 36.66
CA GLU B 200 10.27 -8.02 35.91
C GLU B 200 9.77 -7.37 34.60
N TRP B 201 9.04 -8.18 33.84
CA TRP B 201 8.52 -7.78 32.55
C TRP B 201 7.78 -6.46 32.62
N ALA B 202 6.89 -6.34 33.60
CA ALA B 202 6.11 -5.13 33.74
C ALA B 202 7.00 -3.97 34.14
N LYS B 203 7.91 -4.22 35.08
CA LYS B 203 8.80 -3.16 35.55
C LYS B 203 9.64 -2.61 34.40
N GLU B 204 10.12 -3.50 33.53
CA GLU B 204 10.89 -3.10 32.36
C GLU B 204 10.08 -2.14 31.48
N ARG B 205 8.78 -2.35 31.39
CA ARG B 205 7.97 -1.52 30.52
C ARG B 205 7.32 -0.34 31.24
N GLY B 206 7.68 -0.15 32.51
CA GLY B 206 7.13 0.95 33.31
C GLY B 206 5.64 0.78 33.60
N ILE B 207 5.18 -0.47 33.64
CA ILE B 207 3.79 -0.80 33.92
C ILE B 207 3.56 -1.13 35.39
N HIS B 208 2.69 -0.40 36.07
CA HIS B 208 2.34 -0.77 37.44
C HIS B 208 1.39 -1.97 37.48
N LEU B 209 1.75 -2.97 38.27
CA LEU B 209 0.90 -4.15 38.47
C LEU B 209 -0.08 -4.00 39.61
N GLU B 210 -1.30 -4.50 39.42
CA GLU B 210 -2.38 -4.34 40.41
C GLU B 210 -3.18 -5.61 40.61
N PHE B 211 -3.33 -5.97 41.88
CA PHE B 211 -3.97 -7.22 42.25
C PHE B 211 -5.22 -7.00 43.07
N SER B 212 -6.26 -7.74 42.71
CA SER B 212 -7.43 -7.86 43.52
C SER B 212 -7.07 -8.82 44.65
N THR B 213 -7.56 -8.56 45.86
CA THR B 213 -7.32 -9.44 47.02
C THR B 213 -7.85 -10.86 46.72
N PRO B 214 -7.20 -11.91 47.28
CA PRO B 214 -7.60 -13.27 46.87
C PRO B 214 -9.05 -13.59 47.21
N TYR B 215 -9.67 -14.36 46.34
CA TYR B 215 -11.09 -14.74 46.49
C TYR B 215 -12.09 -13.60 46.34
N HIS B 216 -11.61 -12.35 46.29
CA HIS B 216 -12.48 -11.17 46.07
C HIS B 216 -12.13 -10.38 44.78
N PRO B 217 -12.52 -10.89 43.59
CA PRO B 217 -12.29 -10.15 42.35
C PRO B 217 -13.07 -8.83 42.25
N GLN B 218 -12.37 -7.72 42.09
CA GLN B 218 -13.01 -6.41 41.87
C GLN B 218 -12.44 -5.76 40.61
N SER B 219 -13.32 -5.52 39.65
CA SER B 219 -12.96 -4.85 38.40
C SER B 219 -13.58 -3.47 38.38
N SER B 220 -14.61 -3.35 37.54
CA SER B 220 -15.55 -2.24 37.57
C SER B 220 -16.83 -2.80 36.93
N GLY B 221 -17.94 -2.08 37.10
CA GLY B 221 -19.21 -2.49 36.50
C GLY B 221 -19.02 -2.84 35.04
N LYS B 222 -18.48 -1.87 34.30
CA LYS B 222 -18.24 -1.99 32.85
C LYS B 222 -17.42 -3.23 32.50
N VAL B 223 -16.31 -3.43 33.22
CA VAL B 223 -15.43 -4.55 32.94
C VAL B 223 -16.08 -5.90 33.27
N GLU B 224 -16.71 -6.00 34.44
CA GLU B 224 -17.41 -7.22 34.83
C GLU B 224 -18.44 -7.64 33.79
N ARG B 225 -19.24 -6.66 33.35
CA ARG B 225 -20.26 -6.88 32.34
C ARG B 225 -19.65 -7.32 31.02
N LYS B 226 -18.54 -6.68 30.64
CA LYS B 226 -17.80 -7.09 29.46
C LYS B 226 -17.26 -8.51 29.60
N ASN B 227 -16.68 -8.83 30.75
CA ASN B 227 -16.12 -10.17 30.99
C ASN B 227 -17.18 -11.22 30.96
N SER B 228 -18.39 -10.82 31.36
CA SER B 228 -19.54 -11.67 31.32
C SER B 228 -19.94 -11.94 29.87
N ASP B 229 -20.09 -10.87 29.08
CA ASP B 229 -20.40 -11.00 27.67
C ASP B 229 -19.44 -11.97 26.96
N ILE B 230 -18.15 -11.84 27.25
CA ILE B 230 -17.12 -12.69 26.67
C ILE B 230 -17.36 -14.17 26.96
N LYS B 231 -17.45 -14.53 28.25
CA LYS B 231 -17.71 -15.93 28.63
C LYS B 231 -18.97 -16.49 27.92
N ARG B 232 -20.03 -15.68 27.88
CA ARG B 232 -21.28 -16.13 27.29
C ARG B 232 -21.21 -16.21 25.78
N LEU B 233 -20.59 -15.23 25.14
CA LEU B 233 -20.48 -15.26 23.68
C LEU B 233 -19.61 -16.44 23.23
N LEU B 234 -18.51 -16.68 23.94
CA LEU B 234 -17.67 -17.84 23.69
C LEU B 234 -18.50 -19.11 23.75
N THR B 235 -19.07 -19.36 24.94
CA THR B 235 -19.90 -20.55 25.22
C THR B 235 -20.90 -20.83 24.11
N LYS B 236 -21.59 -19.78 23.67
CA LYS B 236 -22.57 -19.88 22.60
C LYS B 236 -21.94 -20.39 21.31
N LEU B 237 -20.75 -19.89 20.96
CA LEU B 237 -20.17 -20.26 19.67
C LEU B 237 -19.35 -21.57 19.70
N LEU B 238 -18.75 -21.87 20.84
CA LEU B 238 -18.06 -23.16 21.00
C LEU B 238 -19.00 -24.38 20.91
N VAL B 239 -20.24 -24.28 21.41
CA VAL B 239 -21.22 -25.37 21.20
C VAL B 239 -21.59 -25.48 19.71
N GLY B 240 -21.64 -26.71 19.22
CA GLY B 240 -21.77 -26.96 17.77
C GLY B 240 -20.42 -27.19 17.12
N ARG B 241 -19.45 -26.33 17.45
CA ARG B 241 -18.08 -26.44 16.89
C ARG B 241 -17.00 -26.21 17.96
N PRO B 242 -16.93 -27.09 18.99
CA PRO B 242 -16.14 -26.82 20.21
C PRO B 242 -14.63 -26.76 19.98
N THR B 243 -14.23 -27.01 18.73
CA THR B 243 -12.84 -27.20 18.38
C THR B 243 -12.39 -26.18 17.32
N LYS B 244 -13.33 -25.38 16.84
CA LYS B 244 -13.04 -24.41 15.80
C LYS B 244 -12.96 -22.96 16.33
N TRP B 245 -12.76 -22.80 17.63
CA TRP B 245 -12.80 -21.45 18.24
C TRP B 245 -11.62 -20.57 17.88
N TYR B 246 -10.44 -21.17 17.75
CA TYR B 246 -9.26 -20.45 17.33
C TYR B 246 -9.56 -19.53 16.15
N ASP B 247 -10.24 -20.05 15.13
CA ASP B 247 -10.55 -19.27 13.92
C ASP B 247 -11.57 -18.16 14.15
N LEU B 248 -12.31 -18.25 15.25
CA LEU B 248 -13.42 -17.33 15.46
C LEU B 248 -13.08 -16.17 16.37
N LEU B 249 -11.93 -16.27 17.04
CA LEU B 249 -11.47 -15.20 17.89
C LEU B 249 -11.54 -13.83 17.19
N PRO B 250 -11.05 -13.71 15.95
CA PRO B 250 -11.20 -12.38 15.34
C PRO B 250 -12.64 -11.84 15.31
N VAL B 251 -13.61 -12.67 14.91
CA VAL B 251 -14.97 -12.16 14.79
C VAL B 251 -15.59 -11.94 16.17
N VAL B 252 -15.22 -12.77 17.13
CA VAL B 252 -15.63 -12.57 18.51
C VAL B 252 -15.25 -11.18 18.99
N GLN B 253 -14.01 -10.76 18.76
CA GLN B 253 -13.55 -9.44 19.17
C GLN B 253 -14.30 -8.32 18.47
N LEU B 254 -14.44 -8.43 17.16
CA LEU B 254 -15.14 -7.39 16.40
C LEU B 254 -16.53 -7.19 16.97
N ALA B 255 -17.18 -8.32 17.26
CA ALA B 255 -18.51 -8.33 17.87
C ALA B 255 -18.49 -7.56 19.16
N LEU B 256 -17.70 -8.03 20.11
CA LEU B 256 -17.55 -7.39 21.41
C LEU B 256 -17.28 -5.92 21.31
N ASN B 257 -16.47 -5.52 20.34
CA ASN B 257 -15.93 -4.17 20.31
C ASN B 257 -16.82 -3.23 19.52
N ASN B 258 -17.74 -3.81 18.76
CA ASN B 258 -18.75 -2.99 18.11
C ASN B 258 -20.14 -3.21 18.73
N THR B 259 -20.14 -3.55 20.03
CA THR B 259 -21.37 -3.68 20.80
C THR B 259 -21.65 -2.39 21.53
N TYR B 260 -22.87 -1.91 21.36
CA TYR B 260 -23.34 -0.68 21.99
C TYR B 260 -23.40 -0.83 23.53
N SER B 261 -22.84 0.17 24.23
CA SER B 261 -22.85 0.23 25.70
C SER B 261 -24.07 1.03 26.18
N PRO B 262 -25.00 0.38 26.92
CA PRO B 262 -26.16 1.09 27.48
C PRO B 262 -25.79 2.38 28.21
N VAL B 263 -24.76 2.33 29.07
CA VAL B 263 -24.33 3.46 29.93
C VAL B 263 -23.73 4.64 29.14
N LEU B 264 -22.74 4.36 28.30
CA LEU B 264 -22.20 5.39 27.41
C LEU B 264 -22.96 5.25 26.09
N LYS B 265 -23.07 6.33 25.33
CA LYS B 265 -23.82 6.25 24.08
C LYS B 265 -23.02 5.53 22.97
N TYR B 266 -21.89 4.90 23.32
CA TYR B 266 -20.88 4.49 22.33
C TYR B 266 -20.33 3.07 22.49
N THR B 267 -19.87 2.49 21.37
CA THR B 267 -19.15 1.19 21.39
C THR B 267 -17.68 1.38 21.81
N PRO B 268 -17.00 0.28 22.19
CA PRO B 268 -15.57 0.44 22.49
C PRO B 268 -14.77 0.91 21.26
N HIS B 269 -15.12 0.40 20.09
CA HIS B 269 -14.50 0.89 18.86
C HIS B 269 -14.55 2.40 18.80
N GLN B 270 -15.74 2.96 19.00
CA GLN B 270 -15.90 4.39 18.88
C GLN B 270 -15.09 5.16 19.92
N LEU B 271 -15.00 4.61 21.13
CA LEU B 271 -14.28 5.30 22.18
C LEU B 271 -12.78 5.22 21.98
N LEU B 272 -12.34 4.12 21.37
CA LEU B 272 -10.94 3.91 21.15
C LEU B 272 -10.43 4.78 20.01
N PHE B 273 -11.19 4.84 18.92
CA PHE B 273 -10.71 5.45 17.69
C PHE B 273 -11.38 6.74 17.30
N GLY B 274 -12.54 7.04 17.87
CA GLY B 274 -13.22 8.29 17.61
C GLY B 274 -13.94 8.37 16.28
N ILE B 275 -14.35 7.22 15.76
CA ILE B 275 -15.02 7.11 14.46
C ILE B 275 -16.01 5.96 14.50
N ASP B 276 -16.97 5.93 13.59
CA ASP B 276 -17.82 4.75 13.43
C ASP B 276 -16.96 3.66 12.83
N SER B 277 -17.45 2.42 12.88
CA SER B 277 -16.70 1.29 12.40
C SER B 277 -17.23 0.85 11.03
N ASN B 278 -16.47 0.10 10.26
CA ASN B 278 -16.98 -0.45 9.02
C ASN B 278 -17.71 -1.79 9.20
N THR B 279 -17.74 -2.26 10.44
CA THR B 279 -18.51 -3.44 10.79
C THR B 279 -19.38 -3.13 12.01
N PRO B 280 -20.55 -2.48 11.79
CA PRO B 280 -21.44 -2.25 12.92
C PRO B 280 -22.21 -3.54 13.19
N PHE B 281 -22.38 -3.92 14.44
CA PHE B 281 -23.12 -5.16 14.71
C PHE B 281 -24.55 -4.79 15.10
N ALA B 282 -25.36 -4.62 14.06
CA ALA B 282 -26.69 -3.99 14.15
C ALA B 282 -27.66 -4.81 15.00
N ASN B 283 -27.57 -6.13 14.87
CA ASN B 283 -28.27 -7.07 15.76
C ASN B 283 -27.61 -7.13 17.15
N GLN B 284 -28.20 -6.46 18.13
CA GLN B 284 -27.95 -6.79 19.54
C GLN B 284 -28.44 -8.25 19.64
N ASP B 285 -27.48 -9.19 19.71
CA ASP B 285 -27.76 -10.62 19.47
C ASP B 285 -28.42 -11.38 20.64
N THR B 286 -28.93 -12.59 20.37
CA THR B 286 -29.62 -13.42 21.39
C THR B 286 -28.75 -13.71 22.61
N LEU B 287 -27.53 -14.20 22.38
CA LEU B 287 -26.52 -14.42 23.43
C LEU B 287 -26.93 -15.51 24.43
N ASP B 288 -28.20 -15.89 24.38
CA ASP B 288 -28.75 -16.99 25.19
C ASP B 288 -28.77 -18.28 24.37
N LEU B 289 -28.67 -19.40 25.08
CA LEU B 289 -28.66 -20.73 24.48
C LEU B 289 -30.05 -21.15 23.99
N THR B 290 -30.20 -21.38 22.68
CA THR B 290 -31.47 -21.86 22.09
C THR B 290 -31.71 -23.31 22.51
N ARG B 291 -32.98 -23.70 22.60
CA ARG B 291 -33.36 -25.00 23.19
C ARG B 291 -32.65 -26.22 22.56
N GLU B 292 -32.33 -26.12 21.27
CA GLU B 292 -31.50 -27.13 20.56
C GLU B 292 -30.10 -27.29 21.18
N GLU B 293 -29.47 -26.15 21.48
CA GLU B 293 -28.11 -26.09 22.02
C GLU B 293 -28.04 -26.44 23.51
N GLU B 294 -29.16 -26.28 24.21
CA GLU B 294 -29.23 -26.62 25.63
C GLU B 294 -29.14 -28.13 25.86
N LEU B 295 -29.92 -28.89 25.08
CA LEU B 295 -29.95 -30.36 25.17
C LEU B 295 -28.80 -31.05 24.40
N SER B 296 -28.06 -30.27 23.61
CA SER B 296 -26.87 -30.78 22.90
C SER B 296 -25.54 -30.23 23.45
N LEU B 297 -25.63 -29.27 24.38
CA LEU B 297 -24.48 -28.88 25.21
C LEU B 297 -24.35 -29.82 26.40
N LEU B 298 -25.48 -30.37 26.84
CA LEU B 298 -25.48 -31.43 27.86
C LEU B 298 -25.15 -32.81 27.23
N GLN B 299 -25.09 -32.86 25.90
CA GLN B 299 -24.66 -34.07 25.15
C GLN B 299 -23.14 -34.13 24.92
N GLU B 300 -22.51 -32.98 24.68
CA GLU B 300 -21.03 -32.86 24.57
C GLU B 300 -20.30 -33.07 25.89
N ILE B 301 -20.94 -32.74 27.01
CA ILE B 301 -20.38 -32.94 28.35
C ILE B 301 -20.87 -34.27 28.97
N ARG B 302 -21.07 -35.28 28.12
CA ARG B 302 -21.52 -36.61 28.55
C ARG B 302 -20.44 -37.68 28.35
ZN ZN E . 15.40 2.94 -37.63
S SO4 F . 5.26 -6.04 -28.64
O1 SO4 F . 5.77 -6.83 -27.51
O2 SO4 F . 4.57 -6.91 -29.60
O3 SO4 F . 4.31 -5.03 -28.19
O4 SO4 F . 6.35 -5.40 -29.36
C1 GOL G . 1.96 -20.05 -1.62
O1 GOL G . 1.29 -20.72 -0.58
C2 GOL G . 1.20 -18.75 -1.92
O2 GOL G . -0.16 -18.93 -1.61
C3 GOL G . 1.43 -18.26 -3.35
O3 GOL G . 0.83 -17.00 -3.58
C1 GOL H . 18.56 -15.54 15.02
O1 GOL H . 18.60 -14.26 14.47
C2 GOL H . 18.11 -16.45 13.89
O2 GOL H . 18.08 -17.78 14.37
C3 GOL H . 19.10 -16.41 12.74
O3 GOL H . 18.71 -17.30 11.70
C1 GOL I . 22.76 5.84 -52.28
O1 GOL I . 21.89 6.57 -53.11
C2 GOL I . 24.16 6.40 -52.44
O2 GOL I . 24.49 6.28 -53.81
C3 GOL I . 25.17 5.63 -51.62
O3 GOL I . 26.31 6.45 -51.43
N NH4 J . -8.01 12.29 -4.62
MG MG K . 5.63 -4.98 -3.46
MG MG L . 7.75 -2.09 -2.14
CAA RLT M . 2.96 -6.78 -12.30
CAB RLT M . 7.23 -6.32 -7.46
CAC RLT M . 9.55 -3.04 -9.45
CAD RLT M . 10.48 -5.31 -8.83
OAE RLT M . 9.16 -1.60 -3.53
OAF RLT M . 6.42 -3.53 -9.18
OAG RLT M . 6.45 -5.60 -4.97
OAH RLT M . 7.27 -3.45 -3.58
FAI RLT M . 8.95 5.16 -5.23
CAJ RLT M . 9.09 3.11 -4.04
CAK RLT M . 10.33 3.44 -6.11
CAL RLT M . 9.61 1.83 -3.96
CAM RLT M . 10.86 2.16 -6.03
CAN RLT M . 11.09 -0.02 -4.85
NAO RLT M . 5.17 -7.32 -11.23
NAP RLT M . 6.09 -6.78 -10.60
NAQ RLT M . 9.09 -3.11 -6.74
NAR RLT M . 10.23 -1.06 -5.44
NAS RLT M . 8.09 -5.04 -9.61
OAT RLT M . 4.62 -5.16 -11.01
CAU RLT M . 9.27 -1.67 -4.75
CAV RLT M . 6.82 -4.57 -9.70
CAW RLT M . 4.25 -6.40 -11.51
CAX RLT M . 9.44 3.90 -5.13
CAY RLT M . 10.49 1.36 -4.96
CAZ RLT M . 7.74 -3.70 -4.84
CBA RLT M . 5.84 -5.48 -10.45
CBB RLT M . 8.65 -2.85 -5.49
CBC RLT M . 8.70 -4.20 -7.41
CBD RLT M . 7.27 -4.83 -5.51
NBE RLT M . 7.76 -5.10 -6.80
CBF RLT M . 9.22 -4.41 -8.86
S SO4 N . -21.87 -1.00 30.01
O1 SO4 N . -21.20 -0.85 28.72
O2 SO4 N . -23.28 -0.68 29.84
O3 SO4 N . -21.79 -2.39 30.46
O4 SO4 N . -21.24 -0.10 30.98
C1 GOL O . -17.90 8.10 17.43
O1 GOL O . -18.64 8.38 16.25
C2 GOL O . -17.84 9.37 18.27
O2 GOL O . -17.05 10.32 17.61
C3 GOL O . -17.27 9.19 19.68
O3 GOL O . -17.26 10.45 20.33
MG MG P . -8.08 -15.68 36.76
#